data_8EFN
#
_entry.id   8EFN
#
_cell.length_a   51.469
_cell.length_b   82.702
_cell.length_c   84.796
_cell.angle_alpha   90.000
_cell.angle_beta   90.000
_cell.angle_gamma   90.000
#
_symmetry.space_group_name_H-M   'P 21 21 21'
#
loop_
_entity.id
_entity.type
_entity.pdbx_description
1 polymer 'Stimulator of interferon genes protein'
2 non-polymer 1,2-ETHANEDIOL
3 non-polymer "2-amino-9-[(2R,3R,3aS,5R,7aR,9R,10R,10aS,12R,14aR)-9-(6-amino-9H-purin-9-yl)-3,5,10,12-tetrahydroxy-5,12-dioxidooctahydro-2H,7H-difuro[3,2-d:3',2'-j][1,3,7,9,2,8]tetraoxadiphosphacyclododecin-2-yl]-1,9-dihydro-6H-purin-6-one"
4 water water
#
_entity_poly.entity_id   1
_entity_poly.type   'polypeptide(L)'
_entity_poly.pdbx_seq_one_letter_code
;NVADGFAWNYYFGYLKLVLPRLEAQIAKSSEFRYKITKKKLYILVPKTCYVYDNIADADPRVTWAGDLTPCKINRGGIKE
RIYKQAVYRVAMTDKHEYFFILEYASNLMSLYDMSLHEDAPLSRQERDDQVVLFIRKLREILEGCKECRGKCEIVPISGD
EKSKIADVLVAIHNATQVESDEADL
;
_entity_poly.pdbx_strand_id   A,D
#
loop_
_chem_comp.id
_chem_comp.type
_chem_comp.name
_chem_comp.formula
4BW non-polymer 2-amino-9-[(2R,3R,3aS,5R,7aR,9R,10R,10aS,12R,14aR)-9-(6-amino-9H-purin-9-yl)-3,5,10,12-tetrahydroxy-5,12-dioxidooctahydro-2H,7H-difuro[3,2-d:3',2'-j][1,3,7,9,2,8]tetraoxadiphosphacyclododecin-2-yl]-1,9-dihydro-6H-purin-6-one 'C20 H24 N10 O13 P2'
EDO non-polymer 1,2-ETHANEDIOL 'C2 H6 O2'
#
# COMPACT_ATOMS: atom_id res chain seq x y z
N ASN A 1 3.30 19.79 3.47
CA ASN A 1 3.65 19.20 2.18
C ASN A 1 3.07 17.80 2.06
N VAL A 2 2.43 17.50 0.92
CA VAL A 2 1.86 16.18 0.72
C VAL A 2 2.95 15.11 0.71
N ALA A 3 4.20 15.50 0.40
CA ALA A 3 5.29 14.52 0.37
C ALA A 3 5.56 13.93 1.74
N ASP A 4 5.37 14.70 2.81
CA ASP A 4 5.58 14.17 4.16
C ASP A 4 4.69 12.95 4.40
N GLY A 5 3.42 13.04 4.02
CA GLY A 5 2.52 11.91 4.20
C GLY A 5 2.96 10.68 3.42
N PHE A 6 3.38 10.87 2.18
CA PHE A 6 3.86 9.75 1.37
C PHE A 6 5.09 9.10 2.01
N ALA A 7 6.01 9.91 2.53
CA ALA A 7 7.22 9.37 3.13
C ALA A 7 6.90 8.60 4.41
N TRP A 8 6.12 9.20 5.30
CA TRP A 8 5.74 8.52 6.53
C TRP A 8 4.95 7.24 6.24
N ASN A 9 4.12 7.27 5.21
CA ASN A 9 3.29 6.11 4.91
C ASN A 9 4.12 4.98 4.31
N TYR A 10 5.05 5.30 3.42
CA TYR A 10 5.93 4.26 2.89
C TYR A 10 6.75 3.63 4.01
N TYR A 11 7.12 4.41 5.02
CA TYR A 11 7.87 3.86 6.14
C TYR A 11 6.98 3.01 7.04
N PHE A 12 5.92 3.59 7.60
CA PHE A 12 5.10 2.86 8.57
C PHE A 12 4.30 1.75 7.91
N GLY A 13 3.85 1.94 6.67
CA GLY A 13 3.00 0.97 6.01
C GLY A 13 3.73 -0.11 5.22
N TYR A 14 5.04 0.01 5.06
CA TYR A 14 5.78 -0.98 4.28
C TYR A 14 7.14 -1.28 4.89
N LEU A 15 8.04 -0.30 4.89
CA LEU A 15 9.42 -0.57 5.28
C LEU A 15 9.52 -1.10 6.72
N LYS A 16 8.74 -0.53 7.63
CA LYS A 16 8.80 -1.00 9.01
C LYS A 16 8.25 -2.41 9.16
N LEU A 17 7.43 -2.87 8.22
CA LEU A 17 6.94 -4.25 8.23
C LEU A 17 7.93 -5.20 7.57
N VAL A 18 8.50 -4.83 6.42
CA VAL A 18 9.25 -5.81 5.63
C VAL A 18 10.75 -5.81 5.95
N LEU A 19 11.33 -4.67 6.35
CA LEU A 19 12.77 -4.66 6.55
C LEU A 19 13.20 -5.52 7.74
N PRO A 20 12.48 -5.54 8.86
CA PRO A 20 12.87 -6.46 9.95
C PRO A 20 12.75 -7.93 9.55
N ARG A 21 11.91 -8.25 8.57
CA ARG A 21 11.72 -9.61 8.08
C ARG A 21 12.64 -9.96 6.92
N LEU A 22 13.36 -8.99 6.37
CA LEU A 22 14.02 -9.19 5.08
C LEU A 22 15.09 -10.28 5.14
N GLU A 23 15.88 -10.29 6.22
CA GLU A 23 16.94 -11.28 6.36
C GLU A 23 16.38 -12.70 6.32
N ALA A 24 15.30 -12.94 7.06
CA ALA A 24 14.69 -14.25 7.08
C ALA A 24 14.08 -14.61 5.73
N GLN A 25 13.45 -13.64 5.06
CA GLN A 25 12.83 -13.92 3.77
C GLN A 25 13.87 -14.23 2.71
N ILE A 26 15.03 -13.57 2.74
CA ILE A 26 16.12 -13.94 1.84
C ILE A 26 16.59 -15.37 2.15
N ALA A 27 16.75 -15.68 3.43
CA ALA A 27 17.23 -17.00 3.81
C ALA A 27 16.25 -18.10 3.39
N LYS A 28 14.95 -17.79 3.38
CA LYS A 28 13.95 -18.79 2.99
C LYS A 28 13.88 -19.00 1.48
N SER A 29 14.39 -18.05 0.69
CA SER A 29 14.28 -18.14 -0.76
C SER A 29 15.23 -19.20 -1.29
N SER A 30 14.67 -20.22 -1.94
CA SER A 30 15.51 -21.27 -2.52
C SER A 30 16.39 -20.72 -3.64
N GLU A 31 15.90 -19.76 -4.41
CA GLU A 31 16.68 -19.27 -5.55
C GLU A 31 17.74 -18.25 -5.15
N PHE A 32 17.48 -17.43 -4.12
CA PHE A 32 18.32 -16.27 -3.89
C PHE A 32 18.98 -16.21 -2.52
N ARG A 33 18.86 -17.25 -1.69
CA ARG A 33 19.42 -17.18 -0.34
C ARG A 33 20.92 -16.93 -0.36
N TYR A 34 21.62 -17.36 -1.41
CA TYR A 34 23.06 -17.14 -1.52
C TYR A 34 23.44 -16.06 -2.53
N LYS A 35 22.57 -15.75 -3.48
CA LYS A 35 22.89 -14.76 -4.50
C LYS A 35 22.80 -13.33 -3.99
N ILE A 36 21.98 -13.08 -2.98
CA ILE A 36 21.81 -11.76 -2.39
C ILE A 36 22.80 -11.68 -1.24
N THR A 37 23.92 -10.99 -1.45
CA THR A 37 25.01 -11.06 -0.49
C THR A 37 24.89 -10.03 0.62
N LYS A 38 24.52 -8.79 0.29
CA LYS A 38 24.17 -7.79 1.30
C LYS A 38 22.66 -7.78 1.46
N LYS A 39 22.19 -7.95 2.70
CA LYS A 39 20.77 -8.15 2.97
C LYS A 39 20.07 -6.80 3.10
N LYS A 40 19.79 -6.18 1.96
CA LYS A 40 19.12 -4.88 1.99
C LYS A 40 18.26 -4.69 0.75
N LEU A 41 17.35 -3.72 0.86
CA LEU A 41 16.37 -3.40 -0.16
C LEU A 41 16.72 -2.06 -0.80
N TYR A 42 16.78 -2.02 -2.13
CA TYR A 42 17.03 -0.78 -2.87
C TYR A 42 15.71 -0.20 -3.37
N ILE A 43 15.45 1.05 -3.03
CA ILE A 43 14.20 1.74 -3.34
C ILE A 43 14.50 2.79 -4.41
N LEU A 44 14.00 2.57 -5.61
CA LEU A 44 14.16 3.57 -6.67
C LEU A 44 13.14 4.69 -6.51
N VAL A 45 13.62 5.93 -6.58
CA VAL A 45 12.74 7.09 -6.53
C VAL A 45 12.99 7.93 -7.79
N PRO A 46 12.10 7.86 -8.78
CA PRO A 46 12.29 8.66 -9.99
C PRO A 46 11.96 10.13 -9.73
N LYS A 47 12.91 11.01 -10.04
CA LYS A 47 12.66 12.43 -9.84
C LYS A 47 11.54 12.94 -10.73
N THR A 48 11.35 12.29 -11.90
CA THR A 48 10.21 12.56 -12.77
C THR A 48 8.90 12.05 -12.19
N CYS A 49 8.95 11.26 -11.11
CA CYS A 49 7.80 10.56 -10.55
C CYS A 49 7.22 9.54 -11.52
N TYR A 50 7.95 9.20 -12.58
CA TYR A 50 7.49 8.21 -13.56
C TYR A 50 8.04 6.85 -13.17
N VAL A 51 7.15 5.96 -12.74
CA VAL A 51 7.51 4.63 -12.29
C VAL A 51 7.30 3.67 -13.46
N TYR A 52 8.32 2.87 -13.77
CA TYR A 52 8.19 1.80 -14.74
C TYR A 52 7.77 0.53 -14.01
N ASP A 53 6.80 -0.18 -14.57
CA ASP A 53 6.42 -1.43 -13.94
C ASP A 53 7.44 -2.52 -14.23
N ASN A 54 8.16 -2.41 -15.35
CA ASN A 54 9.33 -3.25 -15.63
C ASN A 54 10.56 -2.35 -15.65
N ILE A 55 11.43 -2.52 -14.65
CA ILE A 55 12.62 -1.67 -14.55
C ILE A 55 13.54 -1.89 -15.73
N ALA A 56 13.48 -3.07 -16.37
CA ALA A 56 14.27 -3.29 -17.57
C ALA A 56 13.91 -2.33 -18.70
N ASP A 57 12.74 -1.69 -18.63
CA ASP A 57 12.36 -0.71 -19.63
C ASP A 57 13.16 0.58 -19.52
N ALA A 58 13.82 0.82 -18.38
CA ALA A 58 14.69 1.99 -18.22
C ALA A 58 16.15 1.65 -18.48
N ASP A 59 16.64 0.58 -17.86
CA ASP A 59 18.02 0.15 -17.97
C ASP A 59 18.01 -1.33 -18.36
N PRO A 60 18.33 -1.67 -19.61
CA PRO A 60 18.23 -3.07 -20.05
C PRO A 60 19.17 -4.02 -19.32
N ARG A 61 20.14 -3.51 -18.56
CA ARG A 61 21.00 -4.36 -17.75
C ARG A 61 20.32 -4.91 -16.52
N VAL A 62 19.13 -4.41 -16.19
CA VAL A 62 18.46 -4.68 -14.91
C VAL A 62 17.18 -5.45 -15.23
N THR A 63 17.20 -6.78 -15.08
CA THR A 63 16.09 -7.62 -15.49
C THR A 63 15.51 -8.38 -14.29
N TRP A 64 14.19 -8.51 -14.29
CA TRP A 64 13.50 -9.22 -13.22
C TRP A 64 13.94 -10.67 -13.18
N ALA A 65 14.36 -11.13 -12.01
CA ALA A 65 14.87 -12.49 -11.84
C ALA A 65 13.93 -13.39 -11.05
N GLY A 66 13.15 -12.85 -10.14
CA GLY A 66 12.25 -13.68 -9.36
C GLY A 66 11.69 -12.92 -8.19
N ASP A 67 10.80 -13.61 -7.47
CA ASP A 67 10.24 -13.09 -6.23
C ASP A 67 11.09 -13.53 -5.04
N LEU A 68 11.14 -12.67 -4.04
CA LEU A 68 11.55 -13.12 -2.72
C LEU A 68 10.37 -13.82 -2.05
N THR A 69 10.68 -14.66 -1.06
CA THR A 69 9.66 -15.30 -0.24
C THR A 69 8.75 -14.23 0.36
N PRO A 70 7.45 -14.21 0.03
CA PRO A 70 6.58 -13.14 0.52
C PRO A 70 6.29 -13.24 2.01
N CYS A 71 6.19 -12.06 2.64
CA CYS A 71 5.70 -11.96 4.01
C CYS A 71 4.19 -12.04 4.02
N LYS A 72 3.63 -12.70 5.03
CA LYS A 72 2.20 -12.74 5.25
C LYS A 72 1.91 -12.08 6.60
N ILE A 73 1.08 -11.03 6.58
CA ILE A 73 0.89 -10.15 7.73
C ILE A 73 -0.60 -9.81 7.81
N ASN A 74 -1.23 -10.09 8.95
CA ASN A 74 -2.59 -9.64 9.19
C ASN A 74 -2.60 -8.11 9.27
N ARG A 75 -3.46 -7.46 8.51
CA ARG A 75 -3.38 -6.01 8.35
C ARG A 75 -4.74 -5.42 8.02
N GLY A 76 -5.25 -4.58 8.91
CA GLY A 76 -6.46 -3.81 8.63
C GLY A 76 -7.67 -4.63 8.25
N GLY A 77 -7.81 -5.82 8.82
CA GLY A 77 -8.91 -6.71 8.51
C GLY A 77 -8.55 -7.79 7.51
N ILE A 78 -7.46 -7.64 6.79
CA ILE A 78 -7.02 -8.64 5.81
C ILE A 78 -6.19 -9.69 6.53
N LYS A 79 -6.64 -10.94 6.50
CA LYS A 79 -5.85 -12.03 7.04
C LYS A 79 -4.73 -12.37 6.06
N GLU A 80 -3.50 -12.38 6.55
CA GLU A 80 -2.32 -12.73 5.76
C GLU A 80 -2.26 -11.93 4.46
N ARG A 81 -2.30 -10.61 4.61
CA ARG A 81 -1.97 -9.76 3.47
C ARG A 81 -0.55 -10.05 3.01
N ILE A 82 -0.35 -10.05 1.69
CA ILE A 82 0.90 -10.51 1.08
C ILE A 82 1.79 -9.31 0.79
N TYR A 83 2.99 -9.31 1.34
CA TYR A 83 3.99 -8.29 1.06
C TYR A 83 5.16 -8.97 0.35
N LYS A 84 5.36 -8.64 -0.92
CA LYS A 84 6.29 -9.37 -1.77
C LYS A 84 7.32 -8.39 -2.34
N GLN A 85 8.58 -8.76 -2.25
CA GLN A 85 9.66 -8.01 -2.87
C GLN A 85 10.07 -8.70 -4.17
N ALA A 86 10.84 -7.98 -4.99
CA ALA A 86 11.30 -8.49 -6.27
C ALA A 86 12.82 -8.50 -6.29
N VAL A 87 13.39 -9.48 -6.97
CA VAL A 87 14.84 -9.60 -7.15
C VAL A 87 15.16 -9.32 -8.61
N TYR A 88 16.15 -8.46 -8.85
CA TYR A 88 16.58 -8.10 -10.19
C TYR A 88 18.01 -8.54 -10.41
N ARG A 89 18.26 -9.11 -11.59
CA ARG A 89 19.60 -9.44 -12.03
C ARG A 89 20.20 -8.25 -12.78
N VAL A 90 21.45 -7.95 -12.48
CA VAL A 90 22.17 -6.82 -13.08
C VAL A 90 23.45 -7.38 -13.69
N ALA A 91 23.57 -7.26 -15.02
CA ALA A 91 24.69 -7.81 -15.77
C ALA A 91 25.48 -6.68 -16.41
N MET A 92 26.75 -6.54 -16.01
CA MET A 92 27.60 -5.44 -16.43
C MET A 92 28.59 -5.92 -17.50
N THR A 93 29.39 -4.97 -18.01
CA THR A 93 30.31 -5.31 -19.11
C THR A 93 31.46 -6.20 -18.65
N ASP A 94 31.85 -6.11 -17.38
CA ASP A 94 32.91 -6.97 -16.87
C ASP A 94 32.49 -8.43 -16.81
N LYS A 95 31.27 -8.75 -17.24
CA LYS A 95 30.62 -10.05 -17.11
C LYS A 95 30.32 -10.42 -15.67
N HIS A 96 30.43 -9.49 -14.73
CA HIS A 96 30.06 -9.75 -13.35
C HIS A 96 28.54 -9.65 -13.19
N GLU A 97 27.98 -10.50 -12.34
CA GLU A 97 26.54 -10.67 -12.22
C GLU A 97 26.10 -10.42 -10.78
N TYR A 98 25.12 -9.54 -10.61
CA TYR A 98 24.62 -9.15 -9.30
C TYR A 98 23.12 -9.41 -9.22
N PHE A 99 22.63 -9.63 -8.00
CA PHE A 99 21.21 -9.80 -7.73
C PHE A 99 20.82 -8.86 -6.60
N PHE A 100 19.89 -7.95 -6.88
CA PHE A 100 19.46 -6.94 -5.92
C PHE A 100 17.97 -7.07 -5.64
N ILE A 101 17.60 -6.90 -4.38
CA ILE A 101 16.21 -6.68 -4.01
C ILE A 101 15.88 -5.23 -4.34
N LEU A 102 14.96 -5.03 -5.27
CA LEU A 102 14.82 -3.75 -5.94
C LEU A 102 13.36 -3.49 -6.26
N GLU A 103 12.93 -2.25 -6.05
CA GLU A 103 11.57 -1.86 -6.39
C GLU A 103 11.50 -0.33 -6.43
N TYR A 104 10.42 0.17 -7.02
CA TYR A 104 10.07 1.57 -6.90
C TYR A 104 9.29 1.80 -5.60
N ALA A 105 9.42 3.00 -5.06
CA ALA A 105 8.48 3.47 -4.04
C ALA A 105 7.15 3.67 -4.74
N SER A 106 6.29 2.64 -4.72
CA SER A 106 5.15 2.59 -5.62
C SER A 106 4.05 3.57 -5.26
N ASN A 107 4.02 4.10 -4.03
CA ASN A 107 2.98 5.08 -3.75
C ASN A 107 3.21 6.38 -4.52
N LEU A 108 4.43 6.58 -5.05
CA LEU A 108 4.68 7.75 -5.90
C LEU A 108 3.92 7.69 -7.22
N MET A 109 3.48 6.51 -7.65
CA MET A 109 2.62 6.44 -8.84
C MET A 109 1.33 7.21 -8.60
N SER A 110 0.81 7.21 -7.37
CA SER A 110 -0.37 8.00 -7.07
C SER A 110 -0.09 9.49 -7.17
N LEU A 111 1.11 9.91 -6.76
CA LEU A 111 1.48 11.32 -6.87
C LEU A 111 1.55 11.76 -8.34
N TYR A 112 2.04 10.88 -9.20
CA TYR A 112 2.06 11.16 -10.63
C TYR A 112 0.65 11.24 -11.18
N ASP A 113 -0.20 10.26 -10.84
CA ASP A 113 -1.58 10.28 -11.31
C ASP A 113 -2.34 11.49 -10.77
N MET A 114 -2.03 11.93 -9.55
CA MET A 114 -2.62 13.15 -9.01
C MET A 114 -2.33 14.34 -9.92
N SER A 115 -1.07 14.50 -10.32
CA SER A 115 -0.68 15.65 -11.12
C SER A 115 -1.29 15.65 -12.50
N LEU A 116 -1.79 14.50 -12.98
CA LEU A 116 -2.37 14.41 -14.31
C LEU A 116 -3.89 14.42 -14.30
N HIS A 117 -4.52 14.28 -13.14
CA HIS A 117 -5.97 14.11 -13.05
C HIS A 117 -6.69 15.39 -13.44
N GLU A 118 -7.92 15.23 -13.96
CA GLU A 118 -8.72 16.37 -14.42
C GLU A 118 -8.87 17.42 -13.33
N ASP A 119 -9.01 16.99 -12.08
CA ASP A 119 -9.07 17.86 -10.91
C ASP A 119 -7.75 17.89 -10.18
N ALA A 120 -6.63 17.97 -10.89
CA ALA A 120 -5.31 17.78 -10.31
C ALA A 120 -5.13 18.64 -9.07
N PRO A 121 -4.96 18.04 -7.88
CA PRO A 121 -4.68 18.84 -6.68
C PRO A 121 -3.25 19.35 -6.60
N LEU A 122 -2.41 19.07 -7.61
CA LEU A 122 -1.10 19.69 -7.68
C LEU A 122 -0.64 19.70 -9.13
N SER A 123 0.20 20.68 -9.45
CA SER A 123 0.75 20.85 -10.78
C SER A 123 1.95 19.93 -10.99
N ARG A 124 2.36 19.81 -12.25
CA ARG A 124 3.54 19.01 -12.57
C ARG A 124 4.78 19.59 -11.92
N GLN A 125 4.87 20.92 -11.85
CA GLN A 125 6.02 21.55 -11.19
C GLN A 125 6.02 21.28 -9.69
N GLU A 126 4.85 21.32 -9.06
CA GLU A 126 4.80 21.01 -7.63
C GLU A 126 5.10 19.54 -7.37
N ARG A 127 4.73 18.66 -8.31
CA ARG A 127 5.08 17.25 -8.17
C ARG A 127 6.58 17.07 -8.10
N ASP A 128 7.32 17.75 -8.97
CA ASP A 128 8.78 17.71 -8.93
C ASP A 128 9.30 18.11 -7.54
N ASP A 129 8.80 19.24 -7.02
CA ASP A 129 9.20 19.69 -5.69
C ASP A 129 8.88 18.64 -4.63
N GLN A 130 7.71 18.00 -4.74
CA GLN A 130 7.29 17.06 -3.71
C GLN A 130 8.13 15.78 -3.74
N VAL A 131 8.61 15.35 -4.90
CA VAL A 131 9.47 14.17 -4.93
C VAL A 131 10.79 14.46 -4.21
N VAL A 132 11.35 15.66 -4.41
CA VAL A 132 12.54 16.06 -3.68
C VAL A 132 12.31 15.97 -2.18
N LEU A 133 11.16 16.48 -1.72
CA LEU A 133 10.86 16.47 -0.29
C LEU A 133 10.61 15.06 0.22
N PHE A 134 10.03 14.20 -0.62
CA PHE A 134 9.83 12.80 -0.25
C PHE A 134 11.16 12.11 0.04
N ILE A 135 12.12 12.27 -0.88
CA ILE A 135 13.45 11.68 -0.69
C ILE A 135 14.06 12.17 0.61
N ARG A 136 14.06 13.49 0.82
CA ARG A 136 14.65 14.08 2.01
C ARG A 136 13.98 13.55 3.28
N LYS A 137 12.65 13.56 3.31
CA LYS A 137 11.95 13.13 4.52
C LYS A 137 12.14 11.64 4.78
N LEU A 138 12.05 10.80 3.74
CA LEU A 138 12.22 9.37 3.94
C LEU A 138 13.62 9.06 4.47
N ARG A 139 14.63 9.77 3.96
CA ARG A 139 15.98 9.61 4.49
C ARG A 139 16.06 9.96 5.98
N GLU A 140 15.45 11.08 6.37
CA GLU A 140 15.47 11.49 7.76
C GLU A 140 14.76 10.48 8.65
N ILE A 141 13.62 9.96 8.21
CA ILE A 141 12.90 8.96 8.99
C ILE A 141 13.78 7.73 9.19
N LEU A 142 14.31 7.18 8.09
CA LEU A 142 15.11 5.96 8.15
C LEU A 142 16.38 6.16 8.96
N GLU A 143 16.97 7.35 8.86
CA GLU A 143 18.09 7.80 9.67
C GLU A 143 17.93 7.43 11.14
N GLY A 144 16.73 7.63 11.68
CA GLY A 144 16.48 7.43 13.09
C GLY A 144 15.94 6.08 13.49
N CYS A 145 15.86 5.12 12.58
CA CYS A 145 15.27 3.82 12.87
C CYS A 145 16.39 2.77 12.91
N LYS A 146 16.59 2.18 14.08
CA LYS A 146 17.69 1.22 14.24
C LYS A 146 17.45 -0.05 13.44
N GLU A 147 16.22 -0.58 13.46
CA GLU A 147 15.96 -1.82 12.76
C GLU A 147 16.01 -1.65 11.24
N CYS A 148 15.74 -0.44 10.74
CA CYS A 148 15.63 -0.23 9.31
C CYS A 148 16.84 0.45 8.68
N ARG A 149 17.68 1.12 9.48
CA ARG A 149 18.71 2.03 8.94
C ARG A 149 19.63 1.32 7.95
N GLY A 150 20.24 0.22 8.37
CA GLY A 150 21.19 -0.47 7.53
C GLY A 150 20.60 -1.41 6.49
N LYS A 151 19.28 -1.51 6.41
CA LYS A 151 18.63 -2.55 5.61
C LYS A 151 18.00 -2.03 4.32
N CYS A 152 18.17 -0.75 4.00
CA CYS A 152 17.62 -0.25 2.75
C CYS A 152 18.43 0.94 2.27
N GLU A 153 18.29 1.23 0.99
CA GLU A 153 18.99 2.33 0.34
C GLU A 153 17.99 3.07 -0.54
N ILE A 154 17.94 4.39 -0.40
CA ILE A 154 17.12 5.22 -1.27
C ILE A 154 17.95 5.60 -2.48
N VAL A 155 17.43 5.34 -3.68
CA VAL A 155 18.18 5.56 -4.92
C VAL A 155 17.41 6.51 -5.82
N PRO A 156 17.63 7.82 -5.72
CA PRO A 156 16.96 8.75 -6.64
C PRO A 156 17.52 8.63 -8.04
N ILE A 157 16.63 8.70 -9.03
CA ILE A 157 16.99 8.55 -10.44
C ILE A 157 16.33 9.68 -11.21
N SER A 158 17.14 10.50 -11.86
CA SER A 158 16.58 11.57 -12.67
C SER A 158 16.23 11.04 -14.06
N GLY A 159 15.56 11.90 -14.85
CA GLY A 159 15.18 11.52 -16.20
C GLY A 159 16.38 11.11 -17.04
N ASP A 160 17.45 11.89 -17.00
CA ASP A 160 18.62 11.57 -17.82
C ASP A 160 19.48 10.47 -17.22
N GLU A 161 19.11 9.94 -16.05
CA GLU A 161 19.83 8.84 -15.41
C GLU A 161 19.08 7.51 -15.52
N LYS A 162 17.99 7.46 -16.29
CA LYS A 162 17.22 6.22 -16.42
C LYS A 162 18.09 5.04 -16.81
N SER A 163 18.97 5.23 -17.79
CA SER A 163 19.82 4.17 -18.30
C SER A 163 21.06 3.92 -17.45
N LYS A 164 21.14 4.53 -16.27
CA LYS A 164 22.30 4.37 -15.39
C LYS A 164 21.94 3.70 -14.07
N ILE A 165 20.77 3.08 -13.99
CA ILE A 165 20.34 2.42 -12.75
C ILE A 165 21.33 1.35 -12.34
N ALA A 166 21.76 0.51 -13.28
CA ALA A 166 22.71 -0.56 -12.96
C ALA A 166 24.02 0.00 -12.43
N ASP A 167 24.50 1.11 -13.00
CA ASP A 167 25.75 1.71 -12.56
C ASP A 167 25.65 2.16 -11.10
N VAL A 168 24.53 2.79 -10.73
CA VAL A 168 24.38 3.31 -9.38
C VAL A 168 24.27 2.18 -8.38
N LEU A 169 23.48 1.14 -8.70
CA LEU A 169 23.33 0.01 -7.79
C LEU A 169 24.65 -0.69 -7.55
N VAL A 170 25.39 -0.98 -8.62
CA VAL A 170 26.66 -1.68 -8.48
C VAL A 170 27.68 -0.82 -7.75
N ALA A 171 27.65 0.50 -7.97
CA ALA A 171 28.54 1.39 -7.25
C ALA A 171 28.25 1.36 -5.75
N ILE A 172 26.97 1.48 -5.37
CA ILE A 172 26.60 1.44 -3.96
C ILE A 172 26.97 0.10 -3.35
N HIS A 173 26.70 -0.99 -4.06
CA HIS A 173 27.08 -2.31 -3.58
C HIS A 173 28.56 -2.37 -3.23
N ASN A 174 29.39 -1.71 -4.03
CA ASN A 174 30.84 -1.68 -3.82
C ASN A 174 31.29 -0.48 -3.01
N ALA A 175 30.38 0.20 -2.33
CA ALA A 175 30.76 1.32 -1.46
C ALA A 175 31.69 0.85 -0.35
N ASN B 1 -3.74 19.68 2.79
CA ASN B 1 -3.86 18.82 3.95
C ASN B 1 -3.29 17.44 3.65
N VAL B 2 -2.61 16.85 4.64
CA VAL B 2 -2.01 15.53 4.42
C VAL B 2 -3.09 14.50 4.11
N ALA B 3 -4.31 14.74 4.59
CA ALA B 3 -5.42 13.83 4.28
C ALA B 3 -5.65 13.71 2.78
N ASP B 4 -5.42 14.79 2.03
CA ASP B 4 -5.64 14.76 0.59
C ASP B 4 -4.76 13.71 -0.08
N GLY B 5 -3.48 13.65 0.31
CA GLY B 5 -2.61 12.63 -0.25
C GLY B 5 -3.06 11.22 0.10
N PHE B 6 -3.47 11.01 1.36
CA PHE B 6 -3.93 9.67 1.76
C PHE B 6 -5.16 9.25 0.98
N ALA B 7 -6.09 10.19 0.74
CA ALA B 7 -7.30 9.85 -0.01
C ALA B 7 -6.98 9.53 -1.47
N TRP B 8 -6.21 10.40 -2.12
CA TRP B 8 -5.83 10.15 -3.51
C TRP B 8 -5.03 8.86 -3.65
N ASN B 9 -4.17 8.56 -2.67
CA ASN B 9 -3.33 7.37 -2.75
C ASN B 9 -4.15 6.09 -2.53
N TYR B 10 -5.12 6.13 -1.60
CA TYR B 10 -5.99 4.97 -1.43
C TYR B 10 -6.81 4.73 -2.69
N TYR B 11 -7.17 5.79 -3.40
CA TYR B 11 -7.89 5.65 -4.66
C TYR B 11 -6.99 5.08 -5.77
N PHE B 12 -5.94 5.83 -6.14
CA PHE B 12 -5.11 5.40 -7.26
C PHE B 12 -4.35 4.11 -6.97
N GLY B 13 -3.90 3.93 -5.73
CA GLY B 13 -3.07 2.79 -5.39
C GLY B 13 -3.82 1.54 -4.97
N TYR B 14 -5.15 1.62 -4.82
CA TYR B 14 -5.89 0.45 -4.41
C TYR B 14 -7.27 0.38 -5.06
N LEU B 15 -8.15 1.35 -4.75
CA LEU B 15 -9.54 1.23 -5.20
C LEU B 15 -9.65 1.24 -6.72
N LYS B 16 -8.87 2.08 -7.39
CA LYS B 16 -8.90 2.11 -8.85
C LYS B 16 -8.39 0.80 -9.45
N LEU B 17 -7.59 0.03 -8.70
CA LEU B 17 -7.10 -1.25 -9.18
C LEU B 17 -8.09 -2.38 -8.93
N VAL B 18 -8.78 -2.34 -7.78
CA VAL B 18 -9.53 -3.52 -7.35
C VAL B 18 -11.03 -3.39 -7.61
N LEU B 19 -11.55 -2.16 -7.63
CA LEU B 19 -13.00 -2.01 -7.77
C LEU B 19 -13.51 -2.32 -9.18
N PRO B 20 -12.83 -1.93 -10.26
CA PRO B 20 -13.33 -2.33 -11.59
C PRO B 20 -13.25 -3.83 -11.83
N ARG B 21 -12.45 -4.54 -11.04
CA ARG B 21 -12.31 -5.99 -11.12
C ARG B 21 -13.19 -6.74 -10.13
N LEU B 22 -13.97 -6.02 -9.32
CA LEU B 22 -14.53 -6.64 -8.12
C LEU B 22 -15.53 -7.75 -8.45
N GLU B 23 -16.44 -7.51 -9.40
CA GLU B 23 -17.42 -8.53 -9.72
C GLU B 23 -16.76 -9.78 -10.29
N ALA B 24 -15.71 -9.59 -11.09
CA ALA B 24 -15.02 -10.75 -11.66
C ALA B 24 -14.32 -11.56 -10.57
N GLN B 25 -13.73 -10.88 -9.58
CA GLN B 25 -13.08 -11.61 -8.49
C GLN B 25 -14.11 -12.37 -7.65
N ILE B 26 -15.30 -11.80 -7.48
CA ILE B 26 -16.36 -12.50 -6.76
C ILE B 26 -16.81 -13.74 -7.55
N ALA B 27 -17.04 -13.56 -8.86
CA ALA B 27 -17.49 -14.66 -9.69
C ALA B 27 -16.52 -15.84 -9.66
N LYS B 28 -15.23 -15.57 -9.46
CA LYS B 28 -14.25 -16.64 -9.37
C LYS B 28 -14.23 -17.33 -8.01
N SER B 29 -14.85 -16.74 -6.99
CA SER B 29 -14.86 -17.31 -5.64
C SER B 29 -15.90 -18.41 -5.56
N SER B 30 -15.45 -19.66 -5.57
CA SER B 30 -16.37 -20.77 -5.38
C SER B 30 -17.09 -20.68 -4.04
N GLU B 31 -16.42 -20.18 -3.00
CA GLU B 31 -17.08 -20.16 -1.70
C GLU B 31 -18.07 -19.01 -1.56
N PHE B 32 -17.81 -17.86 -2.19
CA PHE B 32 -18.58 -16.66 -1.88
C PHE B 32 -19.38 -16.09 -3.03
N ARG B 33 -19.28 -16.65 -4.24
CA ARG B 33 -19.91 -16.01 -5.40
C ARG B 33 -21.41 -15.82 -5.20
N TYR B 34 -22.06 -16.72 -4.47
CA TYR B 34 -23.50 -16.62 -4.25
C TYR B 34 -23.89 -16.22 -2.84
N LYS B 35 -22.92 -16.08 -1.93
CA LYS B 35 -23.19 -15.62 -0.58
C LYS B 35 -23.11 -14.10 -0.43
N ILE B 36 -22.36 -13.44 -1.30
CA ILE B 36 -22.27 -11.98 -1.32
C ILE B 36 -23.32 -11.49 -2.29
N THR B 37 -24.35 -10.81 -1.78
CA THR B 37 -25.42 -10.43 -2.71
C THR B 37 -25.13 -9.11 -3.41
N LYS B 38 -24.89 -8.04 -2.66
CA LYS B 38 -24.49 -6.78 -3.26
C LYS B 38 -22.99 -6.77 -3.49
N LYS B 39 -22.57 -6.52 -4.73
CA LYS B 39 -21.16 -6.64 -5.12
C LYS B 39 -20.49 -5.29 -4.86
N LYS B 40 -20.10 -5.08 -3.60
CA LYS B 40 -19.57 -3.81 -3.13
C LYS B 40 -18.50 -4.08 -2.08
N LEU B 41 -17.52 -3.19 -2.00
CA LEU B 41 -16.49 -3.21 -0.97
C LEU B 41 -16.86 -2.21 0.12
N TYR B 42 -16.94 -2.67 1.36
CA TYR B 42 -17.19 -1.80 2.52
C TYR B 42 -15.86 -1.42 3.16
N ILE B 43 -15.61 -0.12 3.27
CA ILE B 43 -14.35 0.42 3.78
C ILE B 43 -14.64 1.09 5.11
N LEU B 44 -14.14 0.50 6.19
CA LEU B 44 -14.29 1.11 7.52
C LEU B 44 -13.27 2.22 7.69
N VAL B 45 -13.74 3.39 8.13
CA VAL B 45 -12.85 4.51 8.44
C VAL B 45 -13.10 4.91 9.89
N PRO B 46 -12.23 4.52 10.82
CA PRO B 46 -12.45 4.88 12.22
C PRO B 46 -12.09 6.34 12.46
N LYS B 47 -13.04 7.09 13.03
CA LYS B 47 -12.81 8.49 13.34
C LYS B 47 -11.65 8.67 14.30
N THR B 48 -11.43 7.68 15.16
CA THR B 48 -10.33 7.62 16.11
C THR B 48 -9.00 7.29 15.46
N CYS B 49 -9.02 6.84 14.21
CA CYS B 49 -7.86 6.25 13.54
C CYS B 49 -7.43 4.94 14.18
N TYR B 50 -8.32 4.30 14.95
CA TYR B 50 -8.02 3.02 15.60
C TYR B 50 -8.38 1.90 14.64
N VAL B 51 -7.39 1.40 13.91
CA VAL B 51 -7.58 0.29 12.98
C VAL B 51 -7.31 -1.01 13.72
N TYR B 52 -8.22 -1.97 13.55
CA TYR B 52 -8.07 -3.30 14.13
C TYR B 52 -7.65 -4.29 13.04
N ASP B 53 -6.58 -5.04 13.29
CA ASP B 53 -6.10 -5.98 12.29
C ASP B 53 -7.08 -7.14 12.11
N ASN B 54 -7.81 -7.50 13.16
CA ASN B 54 -8.91 -8.44 13.09
C ASN B 54 -10.17 -7.69 13.53
N ILE B 55 -11.12 -7.51 12.61
CA ILE B 55 -12.29 -6.69 12.92
C ILE B 55 -13.12 -7.31 14.04
N ALA B 56 -13.02 -8.62 14.26
CA ALA B 56 -13.75 -9.23 15.37
C ALA B 56 -13.27 -8.73 16.73
N ASP B 57 -12.05 -8.18 16.81
CA ASP B 57 -11.58 -7.60 18.05
C ASP B 57 -12.25 -6.27 18.36
N ALA B 58 -12.86 -5.64 17.37
CA ALA B 58 -13.69 -4.45 17.59
C ALA B 58 -15.14 -4.84 17.87
N ASP B 59 -15.72 -5.66 17.00
CA ASP B 59 -17.10 -6.13 17.15
C ASP B 59 -17.07 -7.65 16.95
N PRO B 60 -17.22 -8.45 18.01
CA PRO B 60 -17.10 -9.91 17.88
C PRO B 60 -18.18 -10.56 17.00
N ARG B 61 -19.20 -9.81 16.59
CA ARG B 61 -20.21 -10.34 15.67
C ARG B 61 -19.76 -10.28 14.22
N VAL B 62 -18.60 -9.71 13.94
CA VAL B 62 -18.07 -9.51 12.60
C VAL B 62 -16.81 -10.36 12.51
N THR B 63 -16.92 -11.54 11.92
CA THR B 63 -15.83 -12.52 11.97
C THR B 63 -15.31 -12.83 10.57
N TRP B 64 -13.99 -12.95 10.46
CA TRP B 64 -13.35 -13.23 9.18
C TRP B 64 -13.84 -14.58 8.65
N ALA B 65 -14.28 -14.58 7.39
CA ALA B 65 -14.84 -15.78 6.78
C ALA B 65 -14.00 -16.35 5.65
N GLY B 66 -13.26 -15.53 4.92
CA GLY B 66 -12.43 -16.05 3.84
C GLY B 66 -11.82 -14.93 3.01
N ASP B 67 -11.07 -15.36 2.00
CA ASP B 67 -10.49 -14.48 0.99
C ASP B 67 -11.35 -14.50 -0.27
N LEU B 68 -11.41 -13.36 -0.95
CA LEU B 68 -11.75 -13.38 -2.37
C LEU B 68 -10.51 -13.76 -3.18
N THR B 69 -10.73 -14.25 -4.40
CA THR B 69 -9.60 -14.54 -5.28
C THR B 69 -8.76 -13.28 -5.44
N PRO B 70 -7.46 -13.35 -5.19
CA PRO B 70 -6.63 -12.14 -5.23
C PRO B 70 -6.37 -11.67 -6.65
N CYS B 71 -6.27 -10.35 -6.80
CA CYS B 71 -5.76 -9.73 -8.01
C CYS B 71 -4.24 -9.81 -8.03
N LYS B 72 -3.68 -10.14 -9.17
CA LYS B 72 -2.23 -10.16 -9.37
C LYS B 72 -1.88 -9.12 -10.43
N ILE B 73 -1.07 -8.13 -10.04
CA ILE B 73 -0.81 -6.96 -10.87
C ILE B 73 0.68 -6.65 -10.84
N ASN B 74 1.28 -6.50 -12.03
CA ASN B 74 2.63 -5.97 -12.12
C ASN B 74 2.61 -4.50 -11.73
N ARG B 75 3.37 -4.13 -10.70
CA ARG B 75 3.31 -2.76 -10.20
C ARG B 75 4.61 -2.37 -9.52
N GLY B 76 5.19 -1.25 -9.97
CA GLY B 76 6.36 -0.68 -9.32
C GLY B 76 7.56 -1.59 -9.27
N GLY B 77 7.70 -2.48 -10.25
CA GLY B 77 8.81 -3.41 -10.29
C GLY B 77 8.51 -4.78 -9.71
N ILE B 78 7.39 -4.92 -9.00
CA ILE B 78 6.96 -6.20 -8.47
C ILE B 78 6.14 -6.92 -9.53
N LYS B 79 6.58 -8.11 -9.94
CA LYS B 79 5.75 -8.92 -10.81
C LYS B 79 4.66 -9.57 -9.97
N GLU B 80 3.42 -9.42 -10.41
CA GLU B 80 2.27 -10.06 -9.77
C GLU B 80 2.20 -9.74 -8.28
N ARG B 81 2.25 -8.45 -7.96
CA ARG B 81 1.91 -8.01 -6.63
C ARG B 81 0.47 -8.43 -6.31
N ILE B 82 0.26 -8.91 -5.10
CA ILE B 82 -1.00 -9.54 -4.71
C ILE B 82 -1.88 -8.52 -4.00
N TYR B 83 -3.09 -8.30 -4.52
CA TYR B 83 -4.08 -7.41 -3.91
C TYR B 83 -5.24 -8.27 -3.43
N LYS B 84 -5.46 -8.28 -2.11
CA LYS B 84 -6.28 -9.27 -1.44
C LYS B 84 -7.34 -8.59 -0.61
N GLN B 85 -8.60 -8.98 -0.80
CA GLN B 85 -9.72 -8.51 0.00
C GLN B 85 -10.13 -9.60 0.98
N ALA B 86 -10.89 -9.20 2.00
CA ALA B 86 -11.41 -10.13 2.98
C ALA B 86 -12.92 -10.13 2.95
N VAL B 87 -13.50 -11.31 3.21
CA VAL B 87 -14.94 -11.46 3.40
C VAL B 87 -15.19 -11.71 4.87
N TYR B 88 -16.10 -10.93 5.45
CA TYR B 88 -16.46 -11.10 6.86
C TYR B 88 -17.90 -11.56 6.96
N ARG B 89 -18.15 -12.45 7.91
CA ARG B 89 -19.49 -12.89 8.24
C ARG B 89 -20.04 -12.05 9.37
N VAL B 90 -21.28 -11.58 9.20
CA VAL B 90 -21.95 -10.78 10.21
C VAL B 90 -23.24 -11.49 10.59
N ALA B 91 -23.41 -11.77 11.88
CA ALA B 91 -24.63 -12.35 12.42
C ALA B 91 -25.07 -11.51 13.59
N MET B 92 -26.21 -10.84 13.44
CA MET B 92 -26.74 -9.99 14.50
C MET B 92 -27.77 -10.70 15.36
N THR B 93 -28.76 -11.32 14.74
CA THR B 93 -29.66 -12.26 15.39
C THR B 93 -29.35 -13.66 14.90
N ASP B 94 -30.04 -14.64 15.47
CA ASP B 94 -29.87 -16.02 15.04
C ASP B 94 -30.60 -16.33 13.74
N LYS B 95 -31.26 -15.35 13.13
CA LYS B 95 -32.13 -15.60 11.98
C LYS B 95 -31.41 -15.39 10.64
N HIS B 96 -30.58 -14.36 10.52
CA HIS B 96 -29.91 -14.05 9.26
C HIS B 96 -28.41 -13.94 9.46
N GLU B 97 -27.68 -14.40 8.45
CA GLU B 97 -26.24 -14.17 8.35
C GLU B 97 -25.94 -13.41 7.07
N TYR B 98 -24.93 -12.56 7.13
CA TYR B 98 -24.53 -11.73 5.99
C TYR B 98 -23.04 -11.94 5.73
N PHE B 99 -22.65 -11.76 4.48
CA PHE B 99 -21.24 -11.82 4.08
C PHE B 99 -20.89 -10.55 3.35
N PHE B 100 -19.95 -9.78 3.91
CA PHE B 100 -19.53 -8.50 3.36
C PHE B 100 -18.06 -8.56 2.98
N ILE B 101 -17.75 -8.01 1.81
CA ILE B 101 -16.36 -7.69 1.48
C ILE B 101 -16.01 -6.44 2.28
N LEU B 102 -15.05 -6.58 3.20
CA LEU B 102 -14.92 -5.60 4.26
C LEU B 102 -13.45 -5.44 4.65
N GLU B 103 -13.03 -4.21 4.89
CA GLU B 103 -11.68 -3.93 5.37
C GLU B 103 -11.63 -2.52 5.93
N TYR B 104 -10.56 -2.24 6.68
CA TYR B 104 -10.22 -0.87 7.03
C TYR B 104 -9.42 -0.22 5.91
N ALA B 105 -9.52 1.10 5.83
CA ALA B 105 -8.58 1.86 5.00
C ALA B 105 -7.23 1.85 5.70
N SER B 106 -6.37 0.91 5.31
CA SER B 106 -5.21 0.58 6.10
C SER B 106 -4.11 1.64 6.08
N ASN B 107 -4.10 2.53 5.07
CA ASN B 107 -3.08 3.57 5.09
C ASN B 107 -3.29 4.54 6.25
N LEU B 108 -4.49 4.57 6.83
CA LEU B 108 -4.73 5.38 8.01
C LEU B 108 -3.95 4.91 9.22
N MET B 109 -3.51 3.64 9.24
CA MET B 109 -2.64 3.18 10.31
C MET B 109 -1.37 4.01 10.38
N SER B 110 -0.92 4.55 9.25
CA SER B 110 0.27 5.39 9.26
C SER B 110 0.02 6.75 9.90
N LEU B 111 -1.20 7.30 9.75
CA LEU B 111 -1.54 8.53 10.45
C LEU B 111 -1.49 8.33 11.96
N TYR B 112 -2.05 7.21 12.42
CA TYR B 112 -1.94 6.85 13.83
C TYR B 112 -0.49 6.77 14.27
N ASP B 113 0.34 6.07 13.51
CA ASP B 113 1.74 5.93 13.86
C ASP B 113 2.46 7.28 13.87
N MET B 114 2.13 8.16 12.92
CA MET B 114 2.73 9.49 12.88
C MET B 114 2.46 10.25 14.18
N SER B 115 1.24 10.18 14.69
CA SER B 115 0.91 10.94 15.90
C SER B 115 1.57 10.39 17.15
N LEU B 116 2.21 9.22 17.07
CA LEU B 116 2.91 8.63 18.20
C LEU B 116 4.42 8.77 18.09
N HIS B 117 4.94 9.19 16.94
CA HIS B 117 6.38 9.22 16.73
C HIS B 117 7.05 10.27 17.60
N GLU B 118 8.30 10.00 17.96
CA GLU B 118 9.03 10.83 18.92
C GLU B 118 9.10 12.29 18.48
N ASP B 119 9.24 12.53 17.19
CA ASP B 119 9.34 13.90 16.69
C ASP B 119 7.99 14.60 16.58
N ALA B 120 6.90 13.90 16.87
CA ALA B 120 5.56 14.48 16.88
C ALA B 120 5.20 15.24 15.61
N PRO B 121 5.15 14.56 14.45
CA PRO B 121 4.76 15.25 13.22
C PRO B 121 3.28 15.58 13.15
N LEU B 122 2.47 14.99 14.01
CA LEU B 122 1.02 15.13 13.95
C LEU B 122 0.48 15.01 15.37
N SER B 123 -0.27 16.02 15.81
CA SER B 123 -0.90 15.88 17.12
C SER B 123 -2.13 14.98 17.00
N ARG B 124 -2.60 14.50 18.14
CA ARG B 124 -3.80 13.66 18.15
C ARG B 124 -5.02 14.44 17.64
N GLN B 125 -5.11 15.72 18.00
CA GLN B 125 -6.20 16.54 17.47
C GLN B 125 -6.08 16.73 15.97
N GLU B 126 -4.86 16.95 15.48
CA GLU B 126 -4.65 17.08 14.04
C GLU B 126 -5.00 15.79 13.32
N ARG B 127 -4.71 14.65 13.94
CA ARG B 127 -5.04 13.36 13.33
C ARG B 127 -6.55 13.23 13.16
N ASP B 128 -7.32 13.53 14.21
CA ASP B 128 -8.78 13.49 14.11
C ASP B 128 -9.28 14.36 12.96
N ASP B 129 -8.75 15.57 12.85
CA ASP B 129 -9.14 16.48 11.76
C ASP B 129 -8.86 15.86 10.40
N GLN B 130 -7.69 15.22 10.25
CA GLN B 130 -7.33 14.69 8.94
C GLN B 130 -8.17 13.48 8.55
N VAL B 131 -8.62 12.68 9.53
CA VAL B 131 -9.52 11.58 9.18
C VAL B 131 -10.83 12.11 8.63
N VAL B 132 -11.36 13.19 9.22
CA VAL B 132 -12.57 13.82 8.70
C VAL B 132 -12.35 14.25 7.24
N LEU B 133 -11.22 14.89 6.97
CA LEU B 133 -10.95 15.36 5.62
C LEU B 133 -10.71 14.20 4.66
N PHE B 134 -10.11 13.11 5.16
CA PHE B 134 -9.90 11.92 4.34
C PHE B 134 -11.23 11.35 3.86
N ILE B 135 -12.19 11.21 4.77
CA ILE B 135 -13.52 10.73 4.39
C ILE B 135 -14.13 11.63 3.33
N ARG B 136 -14.09 12.94 3.56
CA ARG B 136 -14.68 13.91 2.64
C ARG B 136 -14.05 13.82 1.26
N LYS B 137 -12.71 13.82 1.21
CA LYS B 137 -12.04 13.83 -0.08
C LYS B 137 -12.22 12.50 -0.80
N LEU B 138 -12.10 11.38 -0.08
CA LEU B 138 -12.25 10.09 -0.73
C LEU B 138 -13.65 9.93 -1.34
N ARG B 139 -14.67 10.40 -0.62
CA ARG B 139 -16.03 10.35 -1.18
C ARG B 139 -16.14 11.20 -2.43
N GLU B 140 -15.53 12.39 -2.43
CA GLU B 140 -15.58 13.24 -3.60
C GLU B 140 -14.88 12.60 -4.80
N ILE B 141 -13.74 11.95 -4.56
CA ILE B 141 -13.04 11.26 -5.65
C ILE B 141 -13.91 10.15 -6.22
N LEU B 142 -14.46 9.30 -5.34
CA LEU B 142 -15.22 8.15 -5.80
C LEU B 142 -16.48 8.58 -6.53
N GLU B 143 -17.14 9.65 -6.06
CA GLU B 143 -18.37 10.11 -6.70
C GLU B 143 -18.11 10.55 -8.14
N GLY B 144 -16.89 11.00 -8.45
CA GLY B 144 -16.55 11.41 -9.79
C GLY B 144 -15.95 10.35 -10.68
N CYS B 145 -15.81 9.11 -10.19
CA CYS B 145 -15.14 8.04 -10.92
C CYS B 145 -16.19 7.09 -11.47
N LYS B 146 -16.31 7.04 -12.81
CA LYS B 146 -17.29 6.15 -13.42
C LYS B 146 -16.95 4.68 -13.16
N GLU B 147 -15.66 4.33 -13.11
CA GLU B 147 -15.28 2.94 -12.90
C GLU B 147 -15.57 2.48 -11.46
N CYS B 148 -15.51 3.39 -10.49
CA CYS B 148 -15.61 3.02 -9.09
C CYS B 148 -16.92 3.41 -8.43
N ARG B 149 -17.62 4.40 -8.97
CA ARG B 149 -18.88 4.84 -8.36
C ARG B 149 -19.85 3.67 -8.24
N GLY B 150 -20.42 3.52 -7.04
CA GLY B 150 -21.38 2.49 -6.77
C GLY B 150 -20.81 1.15 -6.33
N LYS B 151 -19.49 0.96 -6.40
CA LYS B 151 -18.88 -0.31 -6.07
C LYS B 151 -18.23 -0.33 -4.69
N CYS B 152 -18.33 0.75 -3.94
CA CYS B 152 -17.79 0.74 -2.58
C CYS B 152 -18.56 1.70 -1.71
N GLU B 153 -18.55 1.41 -0.41
CA GLU B 153 -19.19 2.22 0.61
C GLU B 153 -18.13 2.62 1.62
N ILE B 154 -18.00 3.93 1.86
CA ILE B 154 -17.17 4.43 2.95
C ILE B 154 -18.02 4.43 4.20
N VAL B 155 -17.54 3.77 5.25
CA VAL B 155 -18.30 3.60 6.49
C VAL B 155 -17.50 4.20 7.64
N PRO B 156 -17.76 5.45 8.00
CA PRO B 156 -17.10 6.03 9.17
C PRO B 156 -17.61 5.38 10.45
N ILE B 157 -16.69 5.11 11.36
CA ILE B 157 -17.02 4.46 12.62
C ILE B 157 -16.47 5.33 13.75
N SER B 158 -17.36 5.87 14.56
CA SER B 158 -16.94 6.65 15.72
C SER B 158 -16.42 5.75 16.81
N GLY B 159 -15.69 6.36 17.76
CA GLY B 159 -15.15 5.60 18.86
C GLY B 159 -16.20 4.84 19.64
N ASP B 160 -17.37 5.45 19.86
CA ASP B 160 -18.43 4.75 20.58
C ASP B 160 -19.30 3.88 19.69
N GLU B 161 -18.92 3.71 18.41
CA GLU B 161 -19.57 2.75 17.52
C GLU B 161 -18.71 1.50 17.30
N LYS B 162 -17.63 1.34 18.06
CA LYS B 162 -16.73 0.21 17.89
C LYS B 162 -17.48 -1.12 17.94
N SER B 163 -18.33 -1.28 18.96
CA SER B 163 -19.12 -2.49 19.12
C SER B 163 -20.40 -2.48 18.31
N LYS B 164 -20.56 -1.52 17.41
CA LYS B 164 -21.77 -1.39 16.60
C LYS B 164 -21.51 -1.58 15.11
N ILE B 165 -20.31 -2.04 14.74
CA ILE B 165 -19.98 -2.20 13.32
C ILE B 165 -21.00 -3.11 12.63
N ALA B 166 -21.35 -4.22 13.26
CA ALA B 166 -22.34 -5.14 12.69
C ALA B 166 -23.66 -4.43 12.42
N ASP B 167 -24.13 -3.63 13.38
CA ASP B 167 -25.38 -2.91 13.20
C ASP B 167 -25.30 -1.96 12.01
N VAL B 168 -24.19 -1.23 11.89
CA VAL B 168 -24.08 -0.24 10.82
C VAL B 168 -24.06 -0.93 9.46
N LEU B 169 -23.28 -2.01 9.33
CA LEU B 169 -23.18 -2.71 8.06
C LEU B 169 -24.52 -3.32 7.64
N VAL B 170 -25.21 -3.96 8.57
CA VAL B 170 -26.49 -4.58 8.23
C VAL B 170 -27.52 -3.51 7.90
N ALA B 171 -27.46 -2.36 8.56
CA ALA B 171 -28.38 -1.27 8.24
C ALA B 171 -28.15 -0.77 6.82
N ILE B 172 -26.88 -0.51 6.47
CA ILE B 172 -26.57 -0.04 5.12
C ILE B 172 -26.98 -1.09 4.09
N HIS B 173 -26.73 -2.37 4.39
CA HIS B 173 -27.12 -3.43 3.47
C HIS B 173 -28.63 -3.38 3.20
N ASN B 174 -29.42 -3.04 4.22
CA ASN B 174 -30.87 -3.00 4.10
C ASN B 174 -31.41 -1.62 3.70
N ALA B 175 -30.57 -0.74 3.19
CA ALA B 175 -31.03 0.59 2.79
C ALA B 175 -31.99 0.49 1.60
C1 EDO C . 25.27 -9.54 -5.23
O1 EDO C . 24.49 -10.37 -6.10
C2 EDO C . 24.42 -8.39 -4.71
O2 EDO C . 23.39 -8.90 -3.83
C1 EDO D . 22.64 -17.21 3.68
O1 EDO D . 23.31 -16.03 4.10
C2 EDO D . 21.14 -17.06 3.91
O2 EDO D . 20.64 -15.97 3.12
OAC 4BW E . -3.12 -5.70 -1.29
OAC 4BW E . 3.08 -5.69 -0.91
CBC 4BW E . -3.74 -4.84 -0.71
CBC 4BW E . 3.68 -4.67 -1.15
NAT 4BW E . -4.90 -5.19 0.02
NAT 4BW E . 4.80 -4.71 -2.00
CBA 4BW E . -5.65 -4.17 0.71
CBA 4BW E . 5.52 -3.50 -2.30
NAA 4BW E . -6.84 -4.50 1.47
NAA 4BW E . 6.67 -3.51 -3.18
NAS 4BW E . -5.22 -2.79 0.66
NAS 4BW E . 5.08 -2.25 -1.73
CBG 4BW E . -4.03 -2.44 -0.10
CBG 4BW E . 3.94 -2.22 -0.85
CBE 4BW E . -3.29 -3.41 -0.77
CBE 4BW E . 3.23 -3.37 -0.55
NAR 4BW E . -2.25 -2.76 -1.37
NAR 4BW E . 2.21 -3.00 0.30
CAL 4BW E . -2.34 -1.46 -1.08
CAL 4BW E . 2.31 -1.67 0.51
NBQ 4BW E . -3.41 -1.25 -0.31
NBQ 4BW E . 3.35 -1.19 -0.17
CBO 4BW E . -3.89 -0.03 0.27
CBO 4BW E . 3.84 0.15 -0.33
CBI 4BW E . -3.32 0.15 1.37
CBI 4BW E . 3.21 0.66 -1.28
OAG 4BW E . -4.21 0.89 2.30
OAG 4BW E . 4.08 1.60 -2.03
OAX 4BW E . -3.51 1.31 -0.67
OAX 4BW E . 3.59 1.16 0.99
CBK 4BW E . -2.69 2.05 0.03
CBK 4BW E . 2.69 2.04 0.64
CAN 4BW E . -1.61 2.63 -0.89
CAN 4BW E . 1.69 2.20 1.79
OAV 4BW E . -1.01 1.54 -1.64
OAV 4BW E . 0.95 0.96 1.93
PBR 4BW E . 0.25 1.92 -2.53
PBR 4BW E . -0.29 1.01 2.91
O3' 4BW E . 1.56 2.29 -1.62
O3' 4BW E . -1.61 1.67 2.18
OAH 4BW E . -0.05 2.95 -3.60
OAH 4BW E . 0.02 1.61 4.25
OAD 4BW E . 0.59 0.64 -3.25
OAD 4BW E . -0.66 -0.43 3.16
CBM 4BW E . -2.05 1.05 1.01
CBM 4BW E . 2.00 1.42 -0.58
OAZ 4BW E . -1.52 1.66 2.06
OAZ 4BW E . 1.45 2.33 -1.37
PBS 4BW E . -0.42 0.92 2.86
PBS 4BW E . 0.40 1.84 -2.39
OAI 4BW E . -0.89 -0.39 3.41
OAI 4BW E . 0.89 0.80 -3.34
OAE 4BW E . -0.16 1.79 4.02
OAE 4BW E . 0.09 3.03 -3.21
O5' 4BW E . 0.97 0.83 2.07
O5' 4BW E . -0.99 1.47 -1.70
C5' 4BW E . 1.58 2.06 1.60
C5' 4BW E . -1.65 2.53 -0.94
C4' 4BW E . 2.73 1.75 0.65
C4' 4BW E . -2.79 1.94 -0.13
O4' 4BW E . 3.44 0.79 1.10
O4' 4BW E . -3.54 1.24 -0.87
C3' 4BW E . 2.19 1.19 -0.78
C3' 4BW E . -2.24 0.93 1.02
C2' 4BW E . 3.23 0.78 -1.31
C2' 4BW E . -3.28 0.35 1.36
O2' 4BW E . 4.07 1.98 -1.73
O2' 4BW E . -4.10 1.30 2.20
C1' 4BW E . 3.91 0.05 -0.12
C1' 4BW E . -3.96 0.08 0.00
N9 4BW E . 3.49 -1.20 -0.07
N9 4BW E . -3.55 -1.08 -0.49
C8 4BW E . 2.57 -1.74 0.73
C8 4BW E . -2.64 -1.34 -1.44
N7 4BW E . 2.43 -3.03 0.45
N7 4BW E . -2.53 -2.66 -1.61
C5 4BW E . 3.28 -3.35 -0.58
C5 4BW E . -3.38 -3.27 -0.74
C4 4BW E . 3.96 -2.17 -0.91
C4 4BW E . -4.04 -2.26 -0.03
N3 4BW E . 4.88 -2.19 -1.90
N3 4BW E . -4.95 -2.59 0.90
C2 4BW E . 5.15 -3.29 -2.55
C2 4BW E . -5.25 -3.84 1.16
N1 4BW E . 4.52 -4.43 -2.25
N1 4BW E . -4.65 -4.82 0.50
C6 4BW E . 3.59 -4.53 -1.30
C6 4BW E . -3.72 -4.63 -0.44
N6 4BW E . 2.94 -5.78 -1.03
N6 4BW E . -3.10 -5.74 -1.12
C1 EDO F . -13.29 1.24 15.70
O1 EDO F . -12.27 1.02 14.69
C2 EDO F . -13.38 2.73 16.00
O2 EDO F . -12.29 3.12 16.85
C1 EDO G . -25.42 -10.79 1.98
O1 EDO G . -24.66 -11.88 2.50
C2 EDO G . -24.56 -9.52 1.95
O2 EDO G . -23.54 -9.66 0.96
#